data_5QQN
#
_entry.id   5QQN
#
_cell.length_a   62.492
_cell.length_b   62.492
_cell.length_c   341.798
_cell.angle_alpha   90.000
_cell.angle_beta   90.000
_cell.angle_gamma   120.000
#
_symmetry.space_group_name_H-M   'P 65 2 2'
#
loop_
_entity.id
_entity.type
_entity.pdbx_description
1 polymer 'Ras-related C3 botulinum toxin substrate 1'
2 polymer Kalirin
3 non-polymer 1,2-ETHANEDIOL
4 non-polymer N-cyclopropyl-2-(4-{[(5-methyl-1,2-oxazol-3-yl)carbamoyl]amino}-1H-pyrazol-1-yl)acetamide
5 water water
#
loop_
_entity_poly.entity_id
_entity_poly.type
_entity_poly.pdbx_seq_one_letter_code
_entity_poly.pdbx_strand_id
1 'polypeptide(L)'
;SMQAIKCVVVGDGAVGKTCLLISYTTNAFPGEYIPTVFDNYSANVMVDGKPVNLGLWDTAGQEDYDRLRPLSYPQTDVFL
ICFSLVSPASFENVRAKWYPEVRHHCPNTPIILVGTKLDLRDDKDTIEKLKEKKLTPITYPQGLAMAKEIGAVKYLECSA
LTQRGLKTVFDEAIRAVL
;
A
2 'polypeptide(L)'
;SMRKKEFIMAELLQTEKAYVRDLHECLETYLWEMTSGVEEIPPGILNKEHIIFGNIQEIYDFHNNIFLKELEKYEQLPED
VGHCFVTWADKFQMYVTYCKNKPDSNQLILEHAGTFFDEIQQRHGLANSISSYLIKPVQRVTKYQLLLKELLTCCEEGKG
ELKDGLEVMLSVPKKANDAMHV
;
B
#
# COMPACT_ATOMS: atom_id res chain seq x y z
N MET A 2 14.08 20.00 6.49
CA MET A 2 12.60 20.05 6.12
C MET A 2 11.88 18.81 6.67
N GLN A 3 10.67 18.98 7.23
CA GLN A 3 9.93 17.91 7.94
C GLN A 3 9.37 16.87 6.94
N ALA A 4 9.82 15.63 7.11
CA ALA A 4 9.30 14.40 6.45
C ALA A 4 8.03 13.96 7.19
N ILE A 5 6.99 13.55 6.44
CA ILE A 5 5.71 13.05 7.05
C ILE A 5 5.32 11.73 6.40
N LYS A 6 5.26 10.64 7.17
CA LYS A 6 4.74 9.36 6.69
C LYS A 6 3.22 9.33 6.92
N CYS A 7 2.42 9.21 5.85
CA CYS A 7 0.92 9.07 5.92
C CYS A 7 0.47 7.75 5.30
N VAL A 8 -0.06 6.86 6.14
CA VAL A 8 -0.60 5.53 5.73
C VAL A 8 -2.11 5.64 5.57
N VAL A 9 -2.64 5.04 4.49
CA VAL A 9 -4.09 5.08 4.14
C VAL A 9 -4.65 3.66 4.35
N VAL A 10 -5.57 3.54 5.32
CA VAL A 10 -6.21 2.26 5.72
C VAL A 10 -7.72 2.33 5.50
N GLY A 11 -8.40 1.18 5.53
CA GLY A 11 -9.86 1.06 5.30
C GLY A 11 -10.15 -0.03 4.28
N ASP A 12 -11.42 -0.36 4.09
CA ASP A 12 -11.88 -1.49 3.25
C ASP A 12 -11.53 -1.25 1.76
N GLY A 13 -11.52 -2.32 0.97
CA GLY A 13 -11.48 -2.24 -0.50
C GLY A 13 -12.47 -1.23 -1.03
N ALA A 14 -13.70 -1.25 -0.51
CA ALA A 14 -14.82 -0.35 -0.92
C ALA A 14 -14.51 1.14 -0.78
N VAL A 15 -13.47 1.59 -0.05
CA VAL A 15 -13.20 3.06 0.04
C VAL A 15 -12.64 3.59 -1.30
N GLY A 16 -11.93 2.78 -2.10
CA GLY A 16 -11.21 3.29 -3.29
C GLY A 16 -9.89 3.97 -2.92
N LYS A 17 -9.17 3.35 -2.00
CA LYS A 17 -7.88 3.89 -1.47
C LYS A 17 -6.95 4.26 -2.62
N THR A 18 -6.73 3.31 -3.55
CA THR A 18 -5.74 3.47 -4.62
C THR A 18 -6.16 4.68 -5.46
N CYS A 19 -7.42 4.69 -5.84
CA CYS A 19 -8.08 5.77 -6.63
C CYS A 19 -8.01 7.14 -5.92
N LEU A 20 -8.27 7.17 -4.61
CA LEU A 20 -8.11 8.42 -3.80
C LEU A 20 -6.71 9.00 -4.01
N LEU A 21 -5.69 8.16 -3.85
CA LEU A 21 -4.28 8.60 -3.79
C LEU A 21 -3.83 9.02 -5.18
N ILE A 22 -4.31 8.32 -6.20
CA ILE A 22 -3.94 8.63 -7.60
C ILE A 22 -4.61 9.94 -7.94
N SER A 23 -5.87 10.10 -7.54
CA SER A 23 -6.63 11.29 -7.95
C SER A 23 -6.05 12.48 -7.20
N TYR A 24 -5.63 12.28 -5.96
CA TYR A 24 -4.94 13.36 -5.21
C TYR A 24 -3.63 13.75 -5.90
N THR A 25 -2.77 12.79 -6.25
CA THR A 25 -1.36 13.05 -6.64
C THR A 25 -1.30 13.50 -8.12
N THR A 26 -2.25 13.10 -8.93
CA THR A 26 -2.28 13.46 -10.38
C THR A 26 -3.20 14.65 -10.61
N ASN A 27 -3.95 15.10 -9.59
CA ASN A 27 -4.98 16.19 -9.68
C ASN A 27 -6.06 15.80 -10.69
N ALA A 28 -6.46 14.53 -10.73
CA ALA A 28 -7.44 14.04 -11.70
C ALA A 28 -7.91 12.65 -11.31
N PHE A 29 -9.21 12.41 -11.38
CA PHE A 29 -9.82 11.06 -11.34
C PHE A 29 -9.24 10.31 -12.52
N PRO A 30 -8.73 9.07 -12.36
CA PRO A 30 -8.05 8.39 -13.47
C PRO A 30 -9.00 7.92 -14.59
N GLY A 31 -10.29 7.75 -14.28
CA GLY A 31 -11.40 7.80 -15.26
C GLY A 31 -11.43 6.58 -16.15
N GLU A 32 -10.68 6.60 -17.26
CA GLU A 32 -10.56 5.47 -18.21
C GLU A 32 -10.38 4.17 -17.39
N TYR A 33 -9.16 3.96 -16.89
CA TYR A 33 -8.74 2.73 -16.17
C TYR A 33 -8.35 3.19 -14.76
N ILE A 34 -8.88 2.55 -13.71
CA ILE A 34 -8.44 2.79 -12.31
C ILE A 34 -7.28 1.85 -12.00
N PRO A 35 -6.01 2.33 -11.95
CA PRO A 35 -4.86 1.48 -11.67
C PRO A 35 -5.02 0.81 -10.30
N THR A 36 -4.51 -0.43 -10.16
CA THR A 36 -4.54 -1.13 -8.86
C THR A 36 -3.26 -0.78 -8.07
N VAL A 37 -2.27 -0.16 -8.71
CA VAL A 37 -0.98 0.06 -8.01
C VAL A 37 -0.75 1.56 -7.83
N PHE A 38 -0.64 1.97 -6.58
CA PHE A 38 -0.05 3.26 -6.18
C PHE A 38 1.23 2.98 -5.37
N ASP A 39 2.39 3.33 -5.90
CA ASP A 39 3.69 2.99 -5.23
C ASP A 39 3.97 4.13 -4.24
N ASN A 40 4.61 3.79 -3.12
CA ASN A 40 4.96 4.75 -2.04
C ASN A 40 5.41 6.04 -2.69
N TYR A 41 4.94 7.17 -2.17
CA TYR A 41 4.97 8.48 -2.86
C TYR A 41 5.51 9.53 -1.88
N SER A 42 6.30 10.47 -2.36
CA SER A 42 6.66 11.67 -1.57
C SER A 42 6.63 12.90 -2.47
N ALA A 43 6.29 14.04 -1.91
CA ALA A 43 6.18 15.32 -2.64
C ALA A 43 6.21 16.45 -1.61
N ASN A 44 6.96 17.50 -1.93
CA ASN A 44 7.01 18.77 -1.17
C ASN A 44 5.67 19.48 -1.40
N VAL A 45 4.93 19.78 -0.33
CA VAL A 45 3.77 20.74 -0.35
C VAL A 45 3.98 21.82 0.72
N MET A 46 3.45 23.03 0.48
CA MET A 46 3.46 24.13 1.48
C MET A 46 2.09 24.10 2.18
N VAL A 47 2.12 24.13 3.51
CA VAL A 47 0.92 24.16 4.38
C VAL A 47 1.14 25.22 5.46
N ASP A 48 0.22 26.21 5.50
CA ASP A 48 0.33 27.44 6.34
C ASP A 48 1.72 28.03 6.11
N GLY A 49 2.14 28.09 4.83
CA GLY A 49 3.43 28.63 4.38
C GLY A 49 4.65 27.96 5.01
N LYS A 50 4.53 26.73 5.50
CA LYS A 50 5.66 25.94 6.06
C LYS A 50 5.86 24.71 5.17
N PRO A 51 6.70 24.79 4.10
CA PRO A 51 7.00 23.63 3.25
C PRO A 51 7.32 22.30 3.97
N VAL A 52 6.72 21.20 3.48
CA VAL A 52 6.72 19.85 4.11
C VAL A 52 6.93 18.75 3.04
N ASN A 53 7.64 17.67 3.40
CA ASN A 53 7.76 16.48 2.52
C ASN A 53 6.71 15.46 2.94
N LEU A 54 5.70 15.31 2.10
CA LEU A 54 4.53 14.46 2.39
C LEU A 54 4.77 13.09 1.77
N GLY A 55 4.82 12.06 2.61
CA GLY A 55 4.88 10.65 2.19
C GLY A 55 3.53 9.97 2.31
N LEU A 56 3.09 9.30 1.24
CA LEU A 56 1.81 8.56 1.14
C LEU A 56 2.07 7.09 0.80
N TRP A 57 1.57 6.19 1.66
CA TRP A 57 1.59 4.73 1.46
C TRP A 57 0.16 4.21 1.33
N ASP A 58 -0.09 3.47 0.24
CA ASP A 58 -1.34 2.70 -0.01
C ASP A 58 -1.24 1.40 0.80
N THR A 59 -2.37 0.73 1.02
CA THR A 59 -2.46 -0.60 1.71
C THR A 59 -3.39 -1.51 0.92
N ALA A 60 -3.83 -1.10 -0.28
CA ALA A 60 -4.75 -1.91 -1.09
C ALA A 60 -4.08 -3.27 -1.35
N GLY A 61 -4.81 -4.35 -1.11
CA GLY A 61 -4.34 -5.72 -1.36
C GLY A 61 -4.10 -6.47 -0.10
N GLN A 62 -3.97 -5.75 1.02
CA GLN A 62 -3.59 -6.37 2.32
C GLN A 62 -4.82 -6.53 3.21
N GLU A 63 -6.03 -6.28 2.69
CA GLU A 63 -7.28 -6.20 3.50
C GLU A 63 -7.56 -7.55 4.17
N ASP A 64 -7.11 -8.68 3.61
CA ASP A 64 -7.33 -10.01 4.23
C ASP A 64 -6.11 -10.49 5.05
N TYR A 65 -5.02 -9.72 5.20
CA TYR A 65 -3.79 -10.25 5.84
C TYR A 65 -3.54 -9.46 7.14
N ASP A 66 -4.17 -9.91 8.21
CA ASP A 66 -4.31 -9.15 9.48
C ASP A 66 -2.93 -8.91 10.10
N ARG A 67 -1.96 -9.80 9.87
CA ARG A 67 -0.58 -9.72 10.44
C ARG A 67 0.41 -9.08 9.46
N LEU A 68 0.06 -8.93 8.18
CA LEU A 68 0.92 -8.24 7.19
C LEU A 68 0.66 -6.73 7.26
N ARG A 69 -0.56 -6.31 7.52
CA ARG A 69 -0.92 -4.85 7.42
C ARG A 69 -0.06 -4.04 8.39
N PRO A 70 0.09 -4.50 9.65
CA PRO A 70 0.81 -3.74 10.66
C PRO A 70 2.29 -3.50 10.32
N LEU A 71 2.86 -4.27 9.39
CA LEU A 71 4.24 -4.08 8.91
C LEU A 71 4.44 -2.65 8.40
N SER A 72 3.40 -2.02 7.85
CA SER A 72 3.45 -0.59 7.41
C SER A 72 3.22 0.39 8.58
N TYR A 73 2.75 -0.05 9.74
CA TYR A 73 2.23 0.89 10.79
C TYR A 73 3.35 1.66 11.50
N PRO A 74 4.43 1.01 12.01
CA PRO A 74 5.46 1.72 12.78
C PRO A 74 6.02 3.00 12.11
N GLN A 75 6.21 4.03 12.93
CA GLN A 75 6.82 5.35 12.61
C GLN A 75 5.95 6.15 11.64
N THR A 76 4.66 5.81 11.53
CA THR A 76 3.66 6.64 10.83
C THR A 76 3.41 7.90 11.67
N ASP A 77 3.44 9.05 11.02
CA ASP A 77 3.11 10.39 11.57
C ASP A 77 1.57 10.62 11.62
N VAL A 78 0.82 10.06 10.69
CA VAL A 78 -0.67 10.29 10.59
C VAL A 78 -1.32 9.18 9.74
N PHE A 79 -2.43 8.66 10.25
CA PHE A 79 -3.30 7.74 9.49
C PHE A 79 -4.51 8.47 8.92
N LEU A 80 -4.82 8.21 7.66
CA LEU A 80 -6.20 8.37 7.13
C LEU A 80 -6.90 7.03 7.36
N ILE A 81 -7.91 6.99 8.25
CA ILE A 81 -8.84 5.84 8.33
C ILE A 81 -10.06 6.17 7.49
N CYS A 82 -10.30 5.35 6.46
CA CYS A 82 -11.24 5.65 5.39
C CYS A 82 -12.43 4.69 5.41
N PHE A 83 -13.57 5.17 4.99
CA PHE A 83 -14.76 4.34 4.66
C PHE A 83 -15.42 5.01 3.45
N SER A 84 -16.22 4.26 2.72
CA SER A 84 -17.03 4.81 1.62
C SER A 84 -18.36 5.27 2.23
N LEU A 85 -18.73 6.52 1.97
CA LEU A 85 -20.04 7.13 2.39
C LEU A 85 -21.24 6.31 1.89
N VAL A 86 -21.06 5.46 0.89
CA VAL A 86 -22.17 4.61 0.36
C VAL A 86 -21.86 3.13 0.62
N SER A 87 -21.01 2.84 1.61
CA SER A 87 -20.87 1.47 2.18
C SER A 87 -20.97 1.55 3.69
N PRO A 88 -22.18 1.34 4.24
CA PRO A 88 -22.37 1.13 5.67
C PRO A 88 -21.41 0.12 6.30
N ALA A 89 -21.18 -1.03 5.64
CA ALA A 89 -20.21 -2.05 6.10
C ALA A 89 -18.82 -1.44 6.30
N SER A 90 -18.33 -0.64 5.34
CA SER A 90 -16.98 -0.01 5.38
C SER A 90 -16.93 0.92 6.59
N PHE A 91 -18.03 1.61 6.85
CA PHE A 91 -18.17 2.57 7.97
C PHE A 91 -18.10 1.80 9.30
N GLU A 92 -18.89 0.75 9.46
CA GLU A 92 -18.82 -0.09 10.67
C GLU A 92 -17.41 -0.67 10.87
N ASN A 93 -16.70 -0.96 9.78
CA ASN A 93 -15.36 -1.61 9.87
C ASN A 93 -14.34 -0.61 10.40
N VAL A 94 -14.65 0.69 10.39
CA VAL A 94 -13.78 1.72 11.03
C VAL A 94 -13.68 1.35 12.51
N ARG A 95 -14.83 0.98 13.08
CA ARG A 95 -15.00 0.67 14.51
C ARG A 95 -14.49 -0.75 14.76
N ALA A 96 -14.84 -1.69 13.90
CA ALA A 96 -14.66 -3.12 14.11
C ALA A 96 -13.24 -3.57 13.79
N LYS A 97 -12.61 -2.93 12.80
CA LYS A 97 -11.37 -3.50 12.19
C LYS A 97 -10.22 -2.50 12.30
N TRP A 98 -10.40 -1.29 11.75
CA TRP A 98 -9.30 -0.36 11.42
C TRP A 98 -8.80 0.34 12.68
N TYR A 99 -9.69 0.96 13.43
CA TYR A 99 -9.25 1.80 14.56
C TYR A 99 -8.57 0.90 15.59
N PRO A 100 -9.12 -0.28 15.96
CA PRO A 100 -8.47 -1.15 16.92
C PRO A 100 -7.01 -1.46 16.57
N GLU A 101 -6.75 -1.97 15.37
CA GLU A 101 -5.37 -2.39 14.99
C GLU A 101 -4.48 -1.14 14.90
N VAL A 102 -5.01 0.02 14.49
CA VAL A 102 -4.19 1.26 14.38
C VAL A 102 -3.87 1.76 15.79
N ARG A 103 -4.79 1.63 16.74
CA ARG A 103 -4.53 2.03 18.15
C ARG A 103 -3.57 1.03 18.77
N HIS A 104 -3.79 -0.25 18.50
CA HIS A 104 -2.99 -1.32 19.15
C HIS A 104 -1.51 -1.06 18.89
N HIS A 105 -1.17 -0.58 17.69
CA HIS A 105 0.23 -0.56 17.16
C HIS A 105 0.76 0.86 17.23
N CYS A 106 -0.11 1.86 17.12
CA CYS A 106 0.31 3.26 17.11
C CYS A 106 -0.58 4.09 18.02
N PRO A 107 -0.49 3.87 19.34
CA PRO A 107 -1.45 4.44 20.28
C PRO A 107 -1.56 5.98 20.20
N ASN A 108 -0.48 6.69 19.92
CA ASN A 108 -0.46 8.18 20.08
C ASN A 108 -0.31 8.86 18.72
N THR A 109 -0.86 8.26 17.65
CA THR A 109 -0.70 8.77 16.27
C THR A 109 -2.02 9.40 15.85
N PRO A 110 -1.98 10.63 15.32
CA PRO A 110 -3.19 11.29 14.86
C PRO A 110 -3.87 10.48 13.74
N ILE A 111 -5.19 10.34 13.84
CA ILE A 111 -6.10 9.71 12.85
C ILE A 111 -6.99 10.79 12.24
N ILE A 112 -7.03 10.87 10.92
CA ILE A 112 -8.11 11.62 10.22
C ILE A 112 -9.16 10.60 9.75
N LEU A 113 -10.43 10.83 10.07
CA LEU A 113 -11.53 9.96 9.56
C LEU A 113 -11.96 10.53 8.22
N VAL A 114 -11.88 9.73 7.16
CA VAL A 114 -12.22 10.19 5.77
C VAL A 114 -13.39 9.36 5.24
N GLY A 115 -14.49 10.01 4.90
CA GLY A 115 -15.59 9.39 4.12
C GLY A 115 -15.35 9.66 2.66
N THR A 116 -15.17 8.63 1.83
CA THR A 116 -14.92 8.74 0.35
C THR A 116 -16.23 8.53 -0.42
N LYS A 117 -16.20 8.81 -1.72
CA LYS A 117 -17.35 8.62 -2.65
C LYS A 117 -18.52 9.52 -2.22
N LEU A 118 -18.20 10.74 -1.80
CA LEU A 118 -19.20 11.81 -1.53
C LEU A 118 -20.16 11.99 -2.72
N ASP A 119 -19.66 11.89 -3.96
CA ASP A 119 -20.43 12.09 -5.22
C ASP A 119 -21.52 11.02 -5.39
N LEU A 120 -21.38 9.85 -4.78
CA LEU A 120 -22.39 8.75 -4.84
C LEU A 120 -23.45 8.88 -3.73
N ARG A 121 -23.28 9.72 -2.70
CA ARG A 121 -24.27 9.77 -1.58
C ARG A 121 -25.62 10.31 -2.09
N ASP A 122 -25.61 11.15 -3.14
CA ASP A 122 -26.80 11.78 -3.76
C ASP A 122 -27.07 11.18 -5.15
N ASP A 123 -26.81 9.90 -5.35
CA ASP A 123 -26.93 9.22 -6.67
C ASP A 123 -28.08 8.22 -6.58
N LYS A 124 -29.12 8.38 -7.42
CA LYS A 124 -30.38 7.58 -7.36
C LYS A 124 -30.05 6.07 -7.40
N ASP A 125 -29.29 5.62 -8.40
CA ASP A 125 -28.95 4.19 -8.59
C ASP A 125 -28.29 3.65 -7.32
N THR A 126 -27.27 4.35 -6.80
CA THR A 126 -26.55 3.99 -5.55
C THR A 126 -27.54 3.96 -4.38
N ILE A 127 -28.28 5.06 -4.19
CA ILE A 127 -29.30 5.19 -3.10
C ILE A 127 -30.26 4.01 -3.20
N GLU A 128 -30.87 3.81 -4.38
CA GLU A 128 -31.85 2.70 -4.64
C GLU A 128 -31.18 1.35 -4.34
N LYS A 129 -29.94 1.13 -4.80
CA LYS A 129 -29.26 -0.18 -4.62
C LYS A 129 -29.17 -0.46 -3.11
N LEU A 130 -28.93 0.58 -2.31
CA LEU A 130 -28.79 0.47 -0.83
C LEU A 130 -30.17 0.21 -0.19
N LYS A 131 -31.21 0.92 -0.61
CA LYS A 131 -32.60 0.76 -0.10
C LYS A 131 -33.02 -0.70 -0.20
N GLU A 132 -32.64 -1.38 -1.30
CA GLU A 132 -32.97 -2.82 -1.57
C GLU A 132 -32.34 -3.72 -0.51
N LYS A 133 -31.26 -3.28 0.15
CA LYS A 133 -30.60 -4.05 1.25
C LYS A 133 -31.05 -3.48 2.61
N LYS A 134 -32.07 -2.62 2.63
CA LYS A 134 -32.61 -1.95 3.85
C LYS A 134 -31.46 -1.16 4.52
N LEU A 135 -30.79 -0.30 3.73
CA LEU A 135 -29.67 0.60 4.17
C LEU A 135 -29.86 2.00 3.57
N THR A 136 -29.11 3.00 4.07
CA THR A 136 -28.93 4.35 3.46
C THR A 136 -27.46 4.71 3.48
N PRO A 137 -27.04 5.70 2.66
CA PRO A 137 -25.69 6.22 2.73
C PRO A 137 -25.41 6.72 4.16
N ILE A 138 -24.12 6.91 4.46
CA ILE A 138 -23.61 7.47 5.74
C ILE A 138 -23.69 8.98 5.58
N THR A 139 -24.42 9.62 6.50
CA THR A 139 -24.62 11.10 6.54
C THR A 139 -23.58 11.71 7.48
N TYR A 140 -23.46 13.03 7.41
CA TYR A 140 -22.44 13.83 8.09
C TYR A 140 -22.38 13.56 9.60
N PRO A 141 -23.50 13.69 10.36
CA PRO A 141 -23.46 13.44 11.81
C PRO A 141 -22.98 12.02 12.17
N GLN A 142 -23.18 11.02 11.31
CA GLN A 142 -22.68 9.64 11.59
C GLN A 142 -21.14 9.60 11.63
N GLY A 143 -20.49 10.38 10.75
CA GLY A 143 -19.03 10.46 10.60
C GLY A 143 -18.42 11.19 11.77
N LEU A 144 -18.97 12.36 12.07
CA LEU A 144 -18.67 13.15 13.30
C LEU A 144 -18.74 12.26 14.53
N ALA A 145 -19.83 11.52 14.70
CA ALA A 145 -20.02 10.66 15.89
C ALA A 145 -18.96 9.56 15.89
N MET A 146 -18.68 8.96 14.72
CA MET A 146 -17.58 7.96 14.59
C MET A 146 -16.22 8.60 14.92
N ALA A 147 -15.92 9.75 14.34
CA ALA A 147 -14.66 10.48 14.59
C ALA A 147 -14.47 10.60 16.12
N LYS A 148 -15.42 11.25 16.81
CA LYS A 148 -15.40 11.39 18.28
C LYS A 148 -15.05 10.03 18.91
N GLU A 149 -15.80 9.00 18.60
CA GLU A 149 -15.62 7.68 19.24
C GLU A 149 -14.18 7.15 19.09
N ILE A 150 -13.49 7.44 17.98
CA ILE A 150 -12.16 6.80 17.69
C ILE A 150 -11.03 7.75 18.08
N GLY A 151 -11.34 9.00 18.45
CA GLY A 151 -10.33 10.01 18.78
C GLY A 151 -9.76 10.67 17.53
N ALA A 152 -10.54 10.76 16.47
CA ALA A 152 -10.12 11.40 15.21
C ALA A 152 -9.99 12.88 15.47
N VAL A 153 -8.94 13.48 14.96
CA VAL A 153 -8.70 14.94 15.10
C VAL A 153 -9.65 15.63 14.13
N LYS A 154 -10.01 14.98 13.03
CA LYS A 154 -10.98 15.56 12.06
C LYS A 154 -11.77 14.45 11.40
N TYR A 155 -13.04 14.73 11.10
CA TYR A 155 -13.84 13.95 10.13
C TYR A 155 -13.93 14.81 8.87
N LEU A 156 -13.58 14.23 7.71
CA LEU A 156 -13.64 14.94 6.40
C LEU A 156 -14.28 14.04 5.33
N GLU A 157 -15.05 14.64 4.44
CA GLU A 157 -15.73 13.95 3.33
C GLU A 157 -15.06 14.42 2.03
N CYS A 158 -14.89 13.49 1.08
CA CYS A 158 -14.21 13.81 -0.20
C CYS A 158 -14.71 12.88 -1.32
N SER A 159 -14.55 13.35 -2.55
CA SER A 159 -14.69 12.62 -3.82
C SER A 159 -13.37 12.66 -4.60
N ALA A 160 -12.80 11.49 -4.92
CA ALA A 160 -11.74 11.32 -5.94
C ALA A 160 -12.28 11.78 -7.30
N LEU A 161 -13.56 11.48 -7.60
CA LEU A 161 -14.25 11.83 -8.88
C LEU A 161 -14.27 13.35 -9.13
N THR A 162 -14.89 14.11 -8.24
CA THR A 162 -15.13 15.57 -8.41
C THR A 162 -13.98 16.40 -7.81
N GLN A 163 -13.10 15.79 -7.00
CA GLN A 163 -11.97 16.42 -6.25
C GLN A 163 -12.48 17.22 -5.06
N ARG A 164 -13.77 17.11 -4.74
CA ARG A 164 -14.43 17.87 -3.65
C ARG A 164 -13.90 17.32 -2.32
N GLY A 165 -13.31 18.19 -1.50
CA GLY A 165 -12.73 17.90 -0.17
C GLY A 165 -11.41 17.15 -0.23
N LEU A 166 -10.89 16.84 -1.42
CA LEU A 166 -9.78 15.87 -1.55
C LEU A 166 -8.48 16.53 -1.07
N LYS A 167 -8.13 17.71 -1.60
CA LYS A 167 -6.89 18.44 -1.25
C LYS A 167 -6.90 18.70 0.26
N THR A 168 -8.06 19.08 0.80
CA THR A 168 -8.30 19.42 2.24
C THR A 168 -7.93 18.22 3.10
N VAL A 169 -8.41 17.02 2.78
CA VAL A 169 -7.99 15.75 3.47
C VAL A 169 -6.50 15.77 3.79
N PHE A 170 -5.65 16.04 2.79
CA PHE A 170 -4.18 15.84 2.86
C PHE A 170 -3.56 17.05 3.57
N ASP A 171 -4.05 18.25 3.29
CA ASP A 171 -3.73 19.49 4.06
C ASP A 171 -3.92 19.20 5.56
N GLU A 172 -5.02 18.58 5.92
CA GLU A 172 -5.38 18.39 7.34
C GLU A 172 -4.51 17.29 7.91
N ALA A 173 -4.20 16.24 7.14
CA ALA A 173 -3.26 15.17 7.54
C ALA A 173 -1.94 15.80 8.04
N ILE A 174 -1.41 16.73 7.24
CA ILE A 174 -0.18 17.51 7.51
C ILE A 174 -0.39 18.36 8.77
N ARG A 175 -1.47 19.16 8.82
CA ARG A 175 -1.79 20.04 9.96
C ARG A 175 -1.88 19.21 11.24
N ALA A 176 -2.38 17.99 11.20
CA ALA A 176 -2.54 17.14 12.40
C ALA A 176 -1.17 16.73 12.97
N VAL A 177 -0.08 16.96 12.23
CA VAL A 177 1.30 16.50 12.62
C VAL A 177 2.13 17.69 13.13
N LEU A 178 1.94 18.89 12.56
CA LEU A 178 2.80 20.09 12.78
C LEU A 178 2.59 20.66 14.20
N ARG B 3 -9.67 -4.30 -24.19
CA ARG B 3 -9.12 -2.97 -23.72
C ARG B 3 -8.79 -3.04 -22.22
N LYS B 4 -9.72 -3.52 -21.38
CA LYS B 4 -9.50 -3.54 -19.92
C LYS B 4 -8.39 -4.55 -19.62
N LYS B 5 -8.47 -5.75 -20.21
CA LYS B 5 -7.47 -6.82 -19.98
C LYS B 5 -6.10 -6.32 -20.46
N GLU B 6 -6.09 -5.40 -21.41
CA GLU B 6 -4.83 -4.84 -21.96
C GLU B 6 -4.27 -3.80 -20.98
N PHE B 7 -5.11 -2.95 -20.39
CA PHE B 7 -4.65 -1.93 -19.39
C PHE B 7 -4.10 -2.68 -18.18
N ILE B 8 -4.77 -3.74 -17.73
CA ILE B 8 -4.33 -4.48 -16.51
C ILE B 8 -2.98 -5.13 -16.81
N MET B 9 -2.85 -5.83 -17.95
CA MET B 9 -1.57 -6.48 -18.31
C MET B 9 -0.49 -5.42 -18.35
N ALA B 10 -0.72 -4.30 -19.03
CA ALA B 10 0.28 -3.21 -19.12
C ALA B 10 0.71 -2.77 -17.72
N GLU B 11 -0.25 -2.65 -16.79
CA GLU B 11 0.08 -2.18 -15.42
C GLU B 11 0.90 -3.27 -14.72
N LEU B 12 0.49 -4.52 -14.86
CA LEU B 12 1.22 -5.68 -14.32
C LEU B 12 2.70 -5.58 -14.71
N LEU B 13 2.97 -5.43 -16.01
CA LEU B 13 4.34 -5.31 -16.57
C LEU B 13 5.01 -4.03 -16.08
N GLN B 14 4.34 -2.88 -16.20
CA GLN B 14 5.00 -1.60 -15.81
C GLN B 14 5.30 -1.66 -14.31
N THR B 15 4.39 -2.14 -13.49
CA THR B 15 4.66 -2.14 -12.03
C THR B 15 5.72 -3.20 -11.66
N GLU B 16 5.82 -4.27 -12.44
CA GLU B 16 6.85 -5.31 -12.27
C GLU B 16 8.21 -4.66 -12.56
N LYS B 17 8.31 -3.82 -13.59
CA LYS B 17 9.61 -3.18 -13.92
C LYS B 17 10.01 -2.26 -12.77
N ALA B 18 9.09 -1.44 -12.29
CA ALA B 18 9.34 -0.47 -11.22
C ALA B 18 9.78 -1.22 -9.96
N TYR B 19 9.15 -2.37 -9.72
CA TYR B 19 9.48 -3.20 -8.53
C TYR B 19 10.92 -3.72 -8.65
N VAL B 20 11.33 -4.14 -9.83
CA VAL B 20 12.72 -4.64 -10.05
C VAL B 20 13.67 -3.45 -9.86
N ARG B 21 13.35 -2.30 -10.45
CA ARG B 21 14.15 -1.06 -10.31
C ARG B 21 14.27 -0.68 -8.83
N ASP B 22 13.15 -0.71 -8.09
CA ASP B 22 13.08 -0.35 -6.65
C ASP B 22 13.97 -1.30 -5.84
N LEU B 23 13.82 -2.61 -5.98
CA LEU B 23 14.65 -3.56 -5.18
C LEU B 23 16.13 -3.32 -5.53
N HIS B 24 16.42 -3.12 -6.80
CA HIS B 24 17.79 -2.89 -7.32
C HIS B 24 18.37 -1.66 -6.64
N GLU B 25 17.56 -0.62 -6.47
CA GLU B 25 18.00 0.66 -5.90
C GLU B 25 18.36 0.40 -4.45
N CYS B 26 17.47 -0.27 -3.77
CA CYS B 26 17.64 -0.68 -2.37
C CYS B 26 18.96 -1.46 -2.20
N LEU B 27 19.25 -2.42 -3.08
CA LEU B 27 20.44 -3.31 -2.92
C LEU B 27 21.71 -2.51 -3.20
N GLU B 28 21.68 -1.58 -4.16
CA GLU B 28 22.93 -0.91 -4.63
C GLU B 28 23.18 0.40 -3.90
N THR B 29 22.29 0.80 -3.01
CA THR B 29 22.52 1.95 -2.10
C THR B 29 22.51 1.45 -0.67
N TYR B 30 21.35 1.25 -0.07
CA TYR B 30 21.29 0.97 1.38
C TYR B 30 22.10 -0.28 1.70
N LEU B 31 22.03 -1.36 0.89
CA LEU B 31 22.76 -2.61 1.22
C LEU B 31 24.24 -2.42 0.91
N TRP B 32 24.53 -1.71 -0.17
CA TRP B 32 25.90 -1.65 -0.71
C TRP B 32 26.80 -0.83 0.23
N GLU B 33 26.24 0.09 1.00
CA GLU B 33 26.99 0.95 1.97
C GLU B 33 27.43 0.09 3.16
N MET B 34 26.53 -0.75 3.66
CA MET B 34 26.77 -1.70 4.77
C MET B 34 27.84 -2.75 4.42
N THR B 35 27.83 -3.20 3.16
CA THR B 35 28.72 -4.29 2.71
C THR B 35 30.01 -3.69 2.13
N SER B 36 29.93 -2.56 1.46
CA SER B 36 31.11 -1.91 0.85
C SER B 36 32.28 -2.06 1.81
N GLY B 37 32.20 -1.34 2.94
CA GLY B 37 33.36 -0.87 3.73
C GLY B 37 33.84 0.47 3.18
N VAL B 38 32.92 1.34 2.78
CA VAL B 38 33.21 2.73 2.32
C VAL B 38 32.83 3.72 3.43
N GLU B 39 32.02 3.30 4.42
CA GLU B 39 31.43 4.20 5.44
C GLU B 39 31.47 3.53 6.82
N GLU B 40 31.35 4.33 7.89
CA GLU B 40 31.38 3.87 9.31
C GLU B 40 29.99 3.38 9.73
N ILE B 41 29.93 2.17 10.31
CA ILE B 41 28.69 1.35 10.51
C ILE B 41 28.35 1.20 11.99
N PRO B 42 27.26 1.82 12.50
CA PRO B 42 26.87 1.64 13.89
C PRO B 42 27.10 0.22 14.42
N PRO B 43 27.95 0.03 15.46
CA PRO B 43 28.09 -1.27 16.11
C PRO B 43 26.77 -2.05 16.25
N GLY B 44 25.66 -1.32 16.47
CA GLY B 44 24.32 -1.87 16.69
C GLY B 44 23.83 -2.76 15.54
N ILE B 45 24.20 -2.43 14.29
CA ILE B 45 23.67 -3.13 13.06
C ILE B 45 24.75 -3.99 12.39
N LEU B 46 25.99 -3.92 12.87
CA LEU B 46 27.22 -4.45 12.22
C LEU B 46 27.05 -5.94 11.91
N ASN B 47 27.26 -6.33 10.65
CA ASN B 47 27.16 -7.73 10.16
C ASN B 47 25.75 -8.28 10.41
N LYS B 48 24.73 -7.42 10.54
CA LYS B 48 23.31 -7.84 10.72
C LYS B 48 22.49 -7.44 9.47
N GLU B 49 23.16 -7.25 8.33
CA GLU B 49 22.50 -6.93 7.03
C GLU B 49 21.50 -8.04 6.72
N HIS B 50 21.77 -9.28 7.13
CA HIS B 50 20.83 -10.42 6.92
C HIS B 50 19.53 -10.24 7.70
N ILE B 51 19.56 -9.55 8.86
CA ILE B 51 18.32 -9.27 9.65
C ILE B 51 17.61 -8.09 8.97
N ILE B 52 18.37 -7.07 8.56
CA ILE B 52 17.82 -5.83 7.97
C ILE B 52 17.10 -6.14 6.64
N PHE B 53 17.83 -6.67 5.67
CA PHE B 53 17.37 -6.88 4.28
C PHE B 53 16.71 -8.24 4.11
N GLY B 54 16.68 -9.11 5.14
CA GLY B 54 16.20 -10.49 5.01
C GLY B 54 16.68 -11.12 3.70
N ASN B 55 15.78 -11.78 2.94
CA ASN B 55 16.17 -12.53 1.71
C ASN B 55 15.84 -11.71 0.46
N ILE B 56 15.90 -10.38 0.55
CA ILE B 56 15.38 -9.48 -0.52
C ILE B 56 16.28 -9.63 -1.74
N GLN B 57 17.56 -9.90 -1.52
CA GLN B 57 18.52 -10.25 -2.60
C GLN B 57 17.92 -11.35 -3.49
N GLU B 58 17.44 -12.42 -2.87
CA GLU B 58 17.01 -13.65 -3.57
C GLU B 58 15.65 -13.38 -4.29
N ILE B 59 14.81 -12.55 -3.66
CA ILE B 59 13.53 -12.07 -4.24
C ILE B 59 13.82 -11.21 -5.47
N TYR B 60 14.75 -10.25 -5.36
CA TYR B 60 15.24 -9.46 -6.51
C TYR B 60 15.73 -10.41 -7.62
N ASP B 61 16.52 -11.42 -7.25
CA ASP B 61 17.17 -12.29 -8.26
C ASP B 61 16.09 -12.99 -9.08
N PHE B 62 15.09 -13.51 -8.37
CA PHE B 62 13.90 -14.16 -8.94
C PHE B 62 13.24 -13.24 -9.97
N HIS B 63 12.81 -12.08 -9.50
CA HIS B 63 12.11 -11.09 -10.34
C HIS B 63 13.01 -10.68 -11.51
N ASN B 64 14.29 -10.46 -11.27
CA ASN B 64 15.17 -9.80 -12.26
C ASN B 64 15.71 -10.87 -13.21
N ASN B 65 15.92 -12.09 -12.72
CA ASN B 65 16.52 -13.16 -13.56
C ASN B 65 15.41 -13.82 -14.38
N ILE B 66 14.26 -14.11 -13.75
CA ILE B 66 13.18 -14.98 -14.29
C ILE B 66 11.86 -14.22 -14.50
N PHE B 67 11.24 -13.73 -13.43
CA PHE B 67 9.77 -13.51 -13.40
C PHE B 67 9.36 -12.36 -14.31
N LEU B 68 10.15 -11.29 -14.38
CA LEU B 68 9.84 -10.18 -15.31
C LEU B 68 10.00 -10.68 -16.73
N LYS B 69 11.06 -11.44 -17.06
CA LYS B 69 11.25 -12.04 -18.42
C LYS B 69 10.01 -12.89 -18.77
N GLU B 70 9.48 -13.68 -17.84
CA GLU B 70 8.32 -14.57 -18.14
C GLU B 70 7.02 -13.77 -18.27
N LEU B 71 6.77 -12.80 -17.39
CA LEU B 71 5.56 -11.95 -17.49
C LEU B 71 5.56 -11.28 -18.86
N GLU B 72 6.70 -10.75 -19.27
CA GLU B 72 6.84 -10.09 -20.58
C GLU B 72 6.32 -10.99 -21.70
N LYS B 73 6.57 -12.29 -21.64
CA LYS B 73 6.21 -13.24 -22.73
C LYS B 73 4.68 -13.38 -22.81
N TYR B 74 3.98 -13.23 -21.69
CA TYR B 74 2.51 -13.27 -21.56
C TYR B 74 1.88 -11.90 -21.90
N GLU B 75 2.58 -10.94 -22.52
CA GLU B 75 2.06 -9.56 -22.68
C GLU B 75 0.83 -9.58 -23.60
N GLN B 76 0.91 -10.29 -24.72
CA GLN B 76 -0.21 -10.45 -25.70
C GLN B 76 -1.10 -11.65 -25.27
N LEU B 77 -0.93 -12.19 -24.06
CA LEU B 77 -1.72 -13.35 -23.58
C LEU B 77 -2.23 -13.09 -22.19
N PRO B 78 -2.86 -11.94 -21.90
CA PRO B 78 -3.32 -11.62 -20.55
C PRO B 78 -4.16 -12.76 -19.91
N GLU B 79 -5.05 -13.37 -20.68
CA GLU B 79 -6.01 -14.41 -20.16
C GLU B 79 -5.26 -15.65 -19.66
N ASP B 80 -4.01 -15.85 -20.08
CA ASP B 80 -3.18 -17.04 -19.75
C ASP B 80 -2.25 -16.78 -18.56
N VAL B 81 -2.19 -15.55 -18.07
CA VAL B 81 -1.00 -15.13 -17.28
C VAL B 81 -1.07 -15.74 -15.89
N GLY B 82 -2.24 -16.20 -15.45
CA GLY B 82 -2.36 -16.97 -14.20
C GLY B 82 -1.37 -18.13 -14.19
N HIS B 83 -1.08 -18.69 -15.37
CA HIS B 83 -0.12 -19.82 -15.53
C HIS B 83 1.29 -19.39 -15.10
N CYS B 84 1.70 -18.15 -15.38
CA CYS B 84 3.02 -17.63 -14.95
C CYS B 84 3.19 -17.85 -13.44
N PHE B 85 2.16 -17.53 -12.68
CA PHE B 85 2.18 -17.65 -11.21
C PHE B 85 2.23 -19.13 -10.82
N VAL B 86 1.56 -19.98 -11.60
CA VAL B 86 1.52 -21.43 -11.28
C VAL B 86 2.93 -22.01 -11.48
N THR B 87 3.47 -21.87 -12.68
CA THR B 87 4.87 -22.22 -13.03
C THR B 87 5.83 -21.87 -11.87
N TRP B 88 5.72 -20.67 -11.30
CA TRP B 88 6.78 -20.09 -10.42
C TRP B 88 6.30 -20.03 -8.96
N ALA B 89 5.26 -20.79 -8.63
CA ALA B 89 4.65 -20.76 -7.28
C ALA B 89 5.72 -20.93 -6.20
N ASP B 90 6.70 -21.82 -6.38
CA ASP B 90 7.70 -22.17 -5.33
C ASP B 90 8.57 -20.95 -5.03
N LYS B 91 8.94 -20.18 -6.05
CA LYS B 91 9.82 -18.99 -5.90
C LYS B 91 9.15 -18.02 -4.94
N PHE B 92 7.82 -17.96 -4.94
CA PHE B 92 7.04 -16.99 -4.13
C PHE B 92 7.11 -17.37 -2.66
N GLN B 93 7.50 -18.59 -2.35
CA GLN B 93 7.61 -19.02 -0.93
C GLN B 93 8.65 -18.13 -0.23
N MET B 94 9.57 -17.48 -0.96
CA MET B 94 10.58 -16.61 -0.31
C MET B 94 9.91 -15.39 0.32
N TYR B 95 8.69 -15.05 -0.09
CA TYR B 95 7.95 -13.92 0.51
C TYR B 95 7.55 -14.32 1.93
N VAL B 96 7.43 -15.63 2.21
CA VAL B 96 7.10 -16.13 3.57
C VAL B 96 8.29 -15.82 4.48
N THR B 97 9.48 -16.24 4.09
CA THR B 97 10.71 -15.90 4.84
C THR B 97 10.80 -14.39 5.09
N TYR B 98 10.54 -13.58 4.06
CA TYR B 98 10.83 -12.11 4.08
C TYR B 98 9.91 -11.43 5.10
N CYS B 99 8.64 -11.80 5.04
CA CYS B 99 7.56 -11.28 5.92
C CYS B 99 7.84 -11.64 7.38
N LYS B 100 8.17 -12.90 7.67
CA LYS B 100 8.56 -13.39 9.03
C LYS B 100 9.58 -12.43 9.63
N ASN B 101 10.54 -11.99 8.82
CA ASN B 101 11.77 -11.30 9.29
C ASN B 101 11.53 -9.79 9.45
N LYS B 102 10.52 -9.23 8.78
CA LYS B 102 10.36 -7.75 8.60
C LYS B 102 10.24 -7.07 9.97
N PRO B 103 9.45 -7.61 10.92
CA PRO B 103 9.38 -7.02 12.27
C PRO B 103 10.79 -6.86 12.89
N ASP B 104 11.52 -7.98 13.00
CA ASP B 104 12.95 -7.99 13.43
C ASP B 104 13.72 -6.92 12.66
N SER B 105 13.60 -6.86 11.32
CA SER B 105 14.30 -5.83 10.51
C SER B 105 13.99 -4.45 11.07
N ASN B 106 12.72 -4.18 11.35
CA ASN B 106 12.28 -2.77 11.58
C ASN B 106 12.80 -2.32 12.96
N GLN B 107 12.70 -3.15 13.98
CA GLN B 107 13.16 -2.80 15.35
C GLN B 107 14.67 -2.52 15.31
N LEU B 108 15.44 -3.47 14.76
CA LEU B 108 16.90 -3.32 14.56
C LEU B 108 17.18 -1.90 14.06
N ILE B 109 16.46 -1.43 13.04
CA ILE B 109 16.76 -0.11 12.40
C ILE B 109 16.39 1.01 13.37
N LEU B 110 15.24 0.89 14.05
CA LEU B 110 14.85 1.85 15.11
C LEU B 110 15.95 1.93 16.15
N GLU B 111 16.19 0.79 16.84
CA GLU B 111 16.91 0.68 18.13
C GLU B 111 18.41 0.90 17.95
N HIS B 112 18.98 0.73 16.75
CA HIS B 112 20.45 0.50 16.60
C HIS B 112 21.09 1.21 15.38
N ALA B 113 20.34 1.90 14.52
CA ALA B 113 20.91 2.42 13.26
C ALA B 113 20.98 3.94 13.26
N GLY B 114 20.37 4.59 14.25
CA GLY B 114 20.30 6.07 14.30
C GLY B 114 20.07 6.61 12.90
N THR B 115 20.85 7.58 12.44
CA THR B 115 20.56 8.27 11.16
C THR B 115 21.44 7.66 10.08
N PHE B 116 21.88 6.41 10.27
CA PHE B 116 22.85 5.81 9.33
C PHE B 116 22.24 5.87 7.92
N PHE B 117 21.09 5.21 7.77
CA PHE B 117 20.35 5.06 6.48
C PHE B 117 19.78 6.40 6.00
N ASP B 118 19.29 7.23 6.93
CA ASP B 118 18.84 8.62 6.62
C ASP B 118 19.97 9.39 5.94
N GLU B 119 21.20 9.30 6.48
CA GLU B 119 22.42 9.93 5.90
C GLU B 119 22.60 9.40 4.47
N ILE B 120 22.57 8.08 4.25
CA ILE B 120 22.71 7.47 2.88
C ILE B 120 21.58 7.96 1.98
N GLN B 121 20.34 8.02 2.50
CA GLN B 121 19.19 8.53 1.72
C GLN B 121 19.51 9.94 1.20
N GLN B 122 19.94 10.84 2.10
CA GLN B 122 20.26 12.26 1.77
C GLN B 122 21.38 12.25 0.74
N ARG B 123 22.48 11.58 1.08
CA ARG B 123 23.69 11.46 0.23
C ARG B 123 23.27 11.08 -1.20
N HIS B 124 22.50 9.98 -1.36
CA HIS B 124 22.18 9.37 -2.68
C HIS B 124 21.01 10.09 -3.36
N GLY B 125 20.26 10.93 -2.64
CA GLY B 125 19.18 11.78 -3.23
C GLY B 125 17.85 11.05 -3.32
N LEU B 126 17.63 10.04 -2.49
CA LEU B 126 16.47 9.11 -2.61
C LEU B 126 15.23 9.70 -1.92
N ALA B 127 14.14 9.79 -2.68
CA ALA B 127 12.75 10.02 -2.22
C ALA B 127 12.27 8.89 -1.28
N ASN B 128 12.71 7.64 -1.49
CA ASN B 128 12.28 6.49 -0.65
C ASN B 128 13.31 6.22 0.45
N SER B 129 12.84 6.15 1.68
CA SER B 129 13.63 5.78 2.88
C SER B 129 14.01 4.31 2.75
N ILE B 130 15.00 3.84 3.50
CA ILE B 130 15.20 2.38 3.52
C ILE B 130 13.87 1.72 3.92
N SER B 131 13.06 2.35 4.76
CA SER B 131 11.80 1.73 5.25
C SER B 131 10.78 1.61 4.12
N SER B 132 10.70 2.63 3.26
CA SER B 132 9.81 2.67 2.08
C SER B 132 10.21 1.51 1.14
N TYR B 133 11.51 1.29 0.94
CA TYR B 133 11.98 0.18 0.09
C TYR B 133 11.62 -1.15 0.75
N LEU B 134 11.81 -1.29 2.07
CA LEU B 134 11.71 -2.61 2.73
C LEU B 134 10.25 -3.06 2.88
N ILE B 135 9.26 -2.16 2.73
CA ILE B 135 7.83 -2.61 2.75
C ILE B 135 7.41 -3.18 1.38
N LYS B 136 8.08 -2.73 0.32
CA LYS B 136 7.66 -2.99 -1.09
C LYS B 136 7.42 -4.48 -1.34
N PRO B 137 8.33 -5.39 -0.93
CA PRO B 137 8.08 -6.82 -1.13
C PRO B 137 6.75 -7.27 -0.51
N VAL B 138 6.38 -6.72 0.64
CA VAL B 138 5.09 -6.98 1.33
C VAL B 138 3.96 -6.46 0.44
N GLN B 139 4.08 -5.24 -0.06
CA GLN B 139 3.06 -4.60 -0.91
C GLN B 139 2.92 -5.45 -2.17
N ARG B 140 4.06 -5.78 -2.79
CA ARG B 140 4.04 -6.36 -4.16
C ARG B 140 3.36 -7.73 -4.06
N VAL B 141 3.60 -8.48 -2.99
CA VAL B 141 3.14 -9.90 -2.93
C VAL B 141 1.63 -9.92 -2.70
N THR B 142 1.06 -8.80 -2.26
CA THR B 142 -0.40 -8.68 -1.99
C THR B 142 -1.10 -7.94 -3.12
N LYS B 143 -0.37 -7.46 -4.10
CA LYS B 143 -0.92 -6.71 -5.24
C LYS B 143 -1.23 -7.66 -6.38
N TYR B 144 -0.47 -8.73 -6.54
CA TYR B 144 -0.64 -9.65 -7.70
C TYR B 144 -2.09 -10.19 -7.73
N GLN B 145 -2.63 -10.54 -6.55
CA GLN B 145 -4.02 -11.08 -6.43
C GLN B 145 -5.03 -10.01 -6.90
N LEU B 146 -4.82 -8.73 -6.59
CA LEU B 146 -5.68 -7.61 -7.11
C LEU B 146 -5.71 -7.62 -8.65
N LEU B 147 -4.54 -7.63 -9.27
CA LEU B 147 -4.40 -7.59 -10.74
C LEU B 147 -5.10 -8.81 -11.36
N LEU B 148 -4.94 -10.00 -10.78
CA LEU B 148 -5.52 -11.24 -11.35
C LEU B 148 -7.06 -11.19 -11.27
N LYS B 149 -7.60 -10.73 -10.15
CA LYS B 149 -9.05 -10.44 -9.97
C LYS B 149 -9.53 -9.45 -11.05
N GLU B 150 -8.83 -8.35 -11.23
CA GLU B 150 -9.22 -7.42 -12.30
C GLU B 150 -9.31 -8.19 -13.62
N LEU B 151 -8.32 -9.00 -13.98
CA LEU B 151 -8.38 -9.77 -15.28
C LEU B 151 -9.58 -10.73 -15.27
N LEU B 152 -9.91 -11.31 -14.12
CA LEU B 152 -11.07 -12.23 -14.04
C LEU B 152 -12.38 -11.51 -14.36
N THR B 153 -12.50 -10.23 -14.03
CA THR B 153 -13.74 -9.45 -14.33
C THR B 153 -13.91 -9.21 -15.83
N CYS B 154 -12.90 -9.44 -16.67
CA CYS B 154 -12.92 -9.00 -18.10
C CYS B 154 -12.30 -10.06 -19.04
N CYS B 155 -12.16 -11.32 -18.59
CA CYS B 155 -11.69 -12.46 -19.42
C CYS B 155 -12.80 -13.54 -19.44
N GLU B 156 -13.01 -14.17 -20.61
CA GLU B 156 -14.08 -15.16 -20.91
C GLU B 156 -13.99 -16.39 -19.99
N GLU B 157 -14.81 -17.41 -20.25
CA GLU B 157 -14.74 -18.74 -19.56
C GLU B 157 -13.39 -19.45 -19.83
N GLY B 158 -12.60 -19.00 -20.82
CA GLY B 158 -11.14 -19.24 -20.92
C GLY B 158 -10.39 -18.45 -19.85
N LYS B 159 -10.59 -18.82 -18.58
CA LYS B 159 -10.12 -18.09 -17.37
C LYS B 159 -10.09 -19.04 -16.16
N GLY B 160 -9.69 -20.30 -16.37
CA GLY B 160 -9.07 -21.17 -15.36
C GLY B 160 -7.55 -21.10 -15.47
N GLU B 161 -7.04 -20.46 -16.56
CA GLU B 161 -5.67 -19.89 -16.71
C GLU B 161 -5.60 -18.52 -16.03
N LEU B 162 -6.29 -18.38 -14.90
CA LEU B 162 -6.37 -17.17 -14.03
C LEU B 162 -6.71 -17.65 -12.63
N LYS B 163 -7.79 -18.43 -12.51
CA LYS B 163 -8.32 -19.00 -11.22
C LYS B 163 -7.20 -19.67 -10.42
N ASP B 164 -6.33 -20.43 -11.09
CA ASP B 164 -5.26 -21.24 -10.45
C ASP B 164 -4.07 -20.32 -10.15
N GLY B 165 -3.82 -19.35 -11.01
CA GLY B 165 -2.87 -18.25 -10.73
C GLY B 165 -3.28 -17.54 -9.45
N LEU B 166 -4.53 -17.11 -9.39
CA LEU B 166 -5.08 -16.34 -8.25
C LEU B 166 -5.02 -17.20 -6.98
N GLU B 167 -5.45 -18.46 -7.05
CA GLU B 167 -5.34 -19.45 -5.94
C GLU B 167 -3.92 -19.36 -5.35
N VAL B 168 -2.91 -19.56 -6.19
CA VAL B 168 -1.47 -19.46 -5.79
C VAL B 168 -1.25 -18.11 -5.08
N MET B 169 -1.62 -17.02 -5.74
CA MET B 169 -1.28 -15.63 -5.28
C MET B 169 -2.24 -15.17 -4.16
N LEU B 170 -3.16 -16.03 -3.77
CA LEU B 170 -3.92 -15.84 -2.51
C LEU B 170 -3.26 -16.68 -1.45
N SER B 171 -2.70 -17.83 -1.83
CA SER B 171 -2.13 -18.86 -0.92
C SER B 171 -0.81 -18.39 -0.29
N VAL B 172 0.05 -17.71 -1.07
CA VAL B 172 1.37 -17.14 -0.64
C VAL B 172 1.17 -16.09 0.45
N PRO B 173 0.50 -14.94 0.19
CA PRO B 173 0.30 -13.92 1.23
C PRO B 173 -0.41 -14.43 2.49
N LYS B 174 -1.34 -15.38 2.38
CA LYS B 174 -1.97 -16.00 3.57
C LYS B 174 -0.93 -16.81 4.34
N LYS B 175 -0.09 -17.58 3.64
CA LYS B 175 0.96 -18.40 4.28
C LYS B 175 1.98 -17.47 4.94
N ALA B 176 2.29 -16.34 4.30
CA ALA B 176 3.19 -15.30 4.84
C ALA B 176 2.52 -14.64 6.05
N ASN B 177 1.22 -14.36 5.92
CA ASN B 177 0.42 -13.75 7.01
C ASN B 177 0.48 -14.71 8.20
N ASP B 178 0.21 -15.99 7.94
CA ASP B 178 -0.03 -17.02 8.98
C ASP B 178 1.29 -17.40 9.63
N ALA B 179 2.42 -16.99 9.03
CA ALA B 179 3.80 -17.28 9.48
C ALA B 179 4.28 -16.24 10.50
N MET B 180 3.50 -15.19 10.78
CA MET B 180 3.95 -14.07 11.65
C MET B 180 3.67 -14.44 13.12
N HIS B 181 4.50 -13.93 14.06
CA HIS B 181 4.56 -14.37 15.48
C HIS B 181 3.99 -13.29 16.40
#